data_6UHY
#
_entry.id   6UHY
#
_cell.length_a   134.464
_cell.length_b   46.955
_cell.length_c   112.770
_cell.angle_alpha   90.000
_cell.angle_beta   117.630
_cell.angle_gamma   90.000
#
_symmetry.space_group_name_H-M   'C 1 2 1'
#
loop_
_entity.id
_entity.type
_entity.pdbx_description
1 polymer WDR5
2 non-polymer '1-cyclohexyl-1H-benzimidazole-5-carboxylic acid'
3 water water
#
_entity_poly.entity_id   1
_entity_poly.type   'polypeptide(L)'
_entity_poly.pdbx_seq_one_letter_code
;VKPNYALKFTLAGHTKAVSSVKFSPNGEWLASSSADKLIKIWGAYDGKFEKTISGHKLGISDVAWSSDSNLLVSASDDKT
LKIWDVSSGKCLKTLKGHSNYVFCCNFNPQSNLIVSGSFDESVRIWDVKTGKCLKTLPAHSDPVSAVHFNRDGSLIVSSS
YDGLCRIWDTASGQCLKTLIDDDNPPVSFVKFSPNGKYILAATLDNTLKLWDYSKGKCLKTYTGHKNEKYCIFANFSVTG
GKWIVSGSEDNLVYIWNLQTKEIVQKLQGHTDVVISTACHPTENIIASAALENDKTIKLWKSDC
;
_entity_poly.pdbx_strand_id   A,B
#
# COMPACT_ATOMS: atom_id res chain seq x y z
N VAL A 1 16.82 -15.46 14.89
CA VAL A 1 18.00 -16.12 14.34
C VAL A 1 18.08 -15.94 12.83
N LYS A 2 16.97 -16.21 12.14
CA LYS A 2 16.91 -16.08 10.69
C LYS A 2 15.55 -15.53 10.29
N PRO A 3 15.51 -14.64 9.31
CA PRO A 3 14.22 -14.23 8.74
C PRO A 3 13.74 -15.29 7.75
N ASN A 4 12.50 -15.11 7.31
CA ASN A 4 11.88 -16.06 6.39
C ASN A 4 11.15 -15.33 5.27
N TYR A 5 11.84 -14.36 4.66
CA TYR A 5 11.24 -13.58 3.56
C TYR A 5 10.73 -14.50 2.47
N ALA A 6 9.47 -14.30 2.09
CA ALA A 6 8.82 -15.07 1.04
C ALA A 6 8.16 -14.11 0.07
N LEU A 7 8.09 -14.52 -1.19
CA LEU A 7 7.60 -13.66 -2.26
C LEU A 7 6.09 -13.44 -2.12
N LYS A 8 5.68 -12.18 -2.19
CA LYS A 8 4.26 -11.81 -2.12
C LYS A 8 3.71 -11.26 -3.42
N PHE A 9 4.48 -10.42 -4.13
CA PHE A 9 4.03 -9.81 -5.36
C PHE A 9 5.18 -9.63 -6.31
N THR A 10 4.89 -9.71 -7.59
CA THR A 10 5.82 -9.39 -8.66
C THR A 10 5.21 -8.29 -9.51
N LEU A 11 5.96 -7.20 -9.68
CA LEU A 11 5.48 -5.97 -10.29
C LEU A 11 6.25 -5.76 -11.60
N ALA A 12 5.54 -5.30 -12.62
CA ALA A 12 6.15 -5.04 -13.91
C ALA A 12 5.59 -3.74 -14.48
N GLY A 13 6.39 -3.07 -15.29
CA GLY A 13 5.92 -1.87 -15.96
C GLY A 13 7.03 -1.04 -16.59
N HIS A 14 8.17 -0.92 -15.92
CA HIS A 14 9.29 -0.22 -16.55
C HIS A 14 9.72 -0.94 -17.82
N THR A 15 10.24 -0.16 -18.78
CA THR A 15 10.62 -0.70 -20.08
C THR A 15 12.14 -0.76 -20.30
N LYS A 16 12.93 -0.27 -19.35
CA LYS A 16 14.38 -0.44 -19.35
C LYS A 16 14.80 -0.74 -17.92
N ALA A 17 16.11 -0.95 -17.72
CA ALA A 17 16.63 -1.32 -16.42
C ALA A 17 16.13 -0.39 -15.31
N VAL A 18 15.71 -0.99 -14.20
CA VAL A 18 15.45 -0.24 -12.98
C VAL A 18 16.79 0.10 -12.34
N SER A 19 16.85 1.28 -11.73
CA SER A 19 18.07 1.73 -11.06
C SER A 19 17.94 1.83 -9.55
N SER A 20 16.73 2.07 -9.04
N SER A 20 16.75 2.12 -9.02
CA SER A 20 16.55 2.35 -7.61
CA SER A 20 16.60 2.30 -7.59
C SER A 20 15.11 2.05 -7.22
C SER A 20 15.14 2.12 -7.18
N VAL A 21 14.93 1.54 -6.00
CA VAL A 21 13.63 1.44 -5.36
C VAL A 21 13.75 2.02 -3.95
N LYS A 22 12.70 2.72 -3.51
CA LYS A 22 12.71 3.38 -2.20
C LYS A 22 11.29 3.39 -1.63
N PHE A 23 11.13 2.97 -0.37
CA PHE A 23 9.84 3.10 0.30
C PHE A 23 9.68 4.50 0.88
N SER A 24 8.47 5.04 0.78
CA SER A 24 8.20 6.34 1.39
C SER A 24 8.31 6.23 2.92
N PRO A 25 8.72 7.33 3.59
CA PRO A 25 8.85 7.27 5.05
C PRO A 25 7.56 6.93 5.77
N ASN A 26 6.39 7.26 5.19
CA ASN A 26 5.12 6.92 5.81
C ASN A 26 4.69 5.49 5.52
N GLY A 27 5.49 4.72 4.78
CA GLY A 27 5.21 3.32 4.53
C GLY A 27 4.19 3.05 3.45
N GLU A 28 3.60 4.08 2.87
CA GLU A 28 2.46 3.87 1.94
C GLU A 28 2.88 3.46 0.52
N TRP A 29 4.06 3.89 0.09
CA TRP A 29 4.42 3.81 -1.32
C TRP A 29 5.80 3.21 -1.51
N LEU A 30 5.98 2.57 -2.66
CA LEU A 30 7.30 2.30 -3.23
C LEU A 30 7.49 3.16 -4.47
N ALA A 31 8.60 3.87 -4.54
CA ALA A 31 9.00 4.56 -5.77
C ALA A 31 10.12 3.78 -6.46
N SER A 32 10.04 3.70 -7.78
CA SER A 32 11.10 3.12 -8.59
C SER A 32 11.53 4.10 -9.66
N SER A 33 12.82 4.08 -9.99
CA SER A 33 13.36 4.85 -11.11
C SER A 33 14.01 3.91 -12.11
N SER A 34 14.14 4.39 -13.34
CA SER A 34 14.60 3.53 -14.41
C SER A 34 15.34 4.31 -15.50
N ALA A 35 16.16 3.57 -16.24
CA ALA A 35 16.75 4.08 -17.48
C ALA A 35 15.70 4.47 -18.51
N ASP A 36 14.44 4.05 -18.33
CA ASP A 36 13.36 4.47 -19.23
C ASP A 36 12.90 5.90 -19.01
N LYS A 37 13.58 6.67 -18.16
CA LYS A 37 13.34 8.09 -17.91
C LYS A 37 12.15 8.32 -16.98
N LEU A 38 11.59 7.26 -16.39
CA LEU A 38 10.36 7.36 -15.63
C LEU A 38 10.58 7.02 -14.16
N ILE A 39 9.74 7.62 -13.31
CA ILE A 39 9.54 7.21 -11.93
C ILE A 39 8.16 6.56 -11.88
N LYS A 40 8.07 5.41 -11.21
CA LYS A 40 6.78 4.78 -10.98
C LYS A 40 6.51 4.66 -9.48
N ILE A 41 5.25 4.84 -9.12
CA ILE A 41 4.78 4.76 -7.73
C ILE A 41 3.87 3.54 -7.62
N TRP A 42 4.09 2.73 -6.59
CA TRP A 42 3.35 1.50 -6.36
C TRP A 42 2.92 1.45 -4.91
N GLY A 43 1.77 0.84 -4.64
CA GLY A 43 1.36 0.61 -3.27
C GLY A 43 2.36 -0.29 -2.55
N ALA A 44 2.80 0.11 -1.36
CA ALA A 44 3.87 -0.62 -0.69
C ALA A 44 3.44 -1.99 -0.19
N TYR A 45 2.15 -2.20 0.01
CA TYR A 45 1.65 -3.40 0.68
C TYR A 45 1.12 -4.44 -0.28
N ASP A 46 0.46 -4.02 -1.36
CA ASP A 46 -0.06 -4.94 -2.36
C ASP A 46 0.58 -4.74 -3.73
N GLY A 47 1.52 -3.83 -3.87
CA GLY A 47 2.18 -3.56 -5.13
C GLY A 47 1.33 -2.93 -6.20
N LYS A 48 0.14 -2.45 -5.86
CA LYS A 48 -0.77 -1.90 -6.88
C LYS A 48 -0.13 -0.69 -7.56
N PHE A 49 -0.07 -0.72 -8.87
CA PHE A 49 0.50 0.42 -9.60
C PHE A 49 -0.33 1.66 -9.35
N GLU A 50 0.33 2.77 -9.03
CA GLU A 50 -0.36 4.02 -8.74
C GLU A 50 -0.20 5.05 -9.85
N LYS A 51 1.03 5.41 -10.21
CA LYS A 51 1.20 6.43 -11.24
C LYS A 51 2.61 6.40 -11.78
N THR A 52 2.77 7.00 -12.95
CA THR A 52 4.06 7.28 -13.57
C THR A 52 4.32 8.76 -13.51
N ILE A 53 5.55 9.13 -13.16
CA ILE A 53 5.97 10.51 -13.07
C ILE A 53 7.04 10.72 -14.15
N SER A 54 6.83 11.69 -15.03
N SER A 54 6.82 11.70 -15.03
CA SER A 54 7.67 11.82 -16.21
CA SER A 54 7.61 11.85 -16.24
C SER A 54 8.09 13.26 -16.44
C SER A 54 8.15 13.28 -16.33
N GLY A 55 9.25 13.42 -17.08
CA GLY A 55 9.79 14.74 -17.38
C GLY A 55 11.28 14.77 -17.67
N HIS A 56 12.06 13.89 -17.05
CA HIS A 56 13.47 13.83 -17.37
C HIS A 56 13.68 13.47 -18.84
N LYS A 57 14.76 13.99 -19.41
CA LYS A 57 15.05 13.77 -20.83
C LYS A 57 15.90 12.55 -21.09
N LEU A 58 16.56 12.03 -20.05
CA LEU A 58 17.37 10.82 -20.14
C LEU A 58 17.11 9.99 -18.90
N GLY A 59 17.76 8.84 -18.81
CA GLY A 59 17.49 7.89 -17.75
C GLY A 59 17.80 8.43 -16.37
N ILE A 60 17.22 7.76 -15.38
CA ILE A 60 17.31 8.18 -13.98
C ILE A 60 18.08 7.12 -13.21
N SER A 61 19.01 7.58 -12.37
CA SER A 61 19.85 6.68 -11.57
C SER A 61 19.35 6.49 -10.15
N ASP A 62 18.58 7.44 -9.61
CA ASP A 62 18.25 7.39 -8.20
C ASP A 62 17.04 8.29 -7.97
N VAL A 63 16.30 7.97 -6.93
N VAL A 63 16.29 7.95 -6.93
CA VAL A 63 15.17 8.75 -6.46
CA VAL A 63 15.16 8.73 -6.45
C VAL A 63 15.18 8.69 -4.93
C VAL A 63 15.18 8.69 -4.93
N ALA A 64 14.68 9.75 -4.29
CA ALA A 64 14.65 9.80 -2.84
C ALA A 64 13.45 10.60 -2.38
N TRP A 65 12.92 10.23 -1.21
CA TRP A 65 11.70 10.81 -0.63
C TRP A 65 12.03 11.88 0.40
N SER A 66 11.19 12.91 0.45
CA SER A 66 11.22 13.81 1.60
C SER A 66 10.63 13.13 2.84
N SER A 67 10.95 13.68 4.00
CA SER A 67 10.55 13.03 5.25
C SER A 67 9.04 12.95 5.42
N ASP A 68 8.29 13.92 4.87
CA ASP A 68 6.84 13.91 4.97
C ASP A 68 6.16 13.12 3.84
N SER A 69 6.95 12.44 3.00
CA SER A 69 6.45 11.58 1.93
C SER A 69 5.74 12.34 0.83
N ASN A 70 5.83 13.66 0.80
CA ASN A 70 5.12 14.44 -0.20
C ASN A 70 5.96 14.76 -1.42
N LEU A 71 7.29 14.75 -1.29
CA LEU A 71 8.18 15.13 -2.38
C LEU A 71 9.08 13.97 -2.74
N LEU A 72 9.48 13.93 -4.00
CA LEU A 72 10.57 13.09 -4.46
C LEU A 72 11.61 13.95 -5.15
N VAL A 73 12.87 13.54 -5.06
CA VAL A 73 13.92 14.08 -5.91
C VAL A 73 14.48 12.93 -6.75
N SER A 74 14.81 13.23 -8.00
CA SER A 74 15.39 12.24 -8.90
C SER A 74 16.68 12.79 -9.50
N ALA A 75 17.62 11.88 -9.79
CA ALA A 75 18.92 12.23 -10.35
C ALA A 75 19.02 11.58 -11.72
N SER A 76 19.36 12.37 -12.75
CA SER A 76 19.26 11.92 -14.13
C SER A 76 20.54 12.11 -14.95
N ASP A 77 20.67 11.27 -15.98
CA ASP A 77 21.71 11.43 -17.00
C ASP A 77 21.54 12.73 -17.78
N ASP A 78 20.37 13.40 -17.69
CA ASP A 78 20.20 14.70 -18.33
C ASP A 78 20.93 15.83 -17.62
N LYS A 79 21.72 15.50 -16.60
N LYS A 79 21.73 15.49 -16.61
CA LYS A 79 22.58 16.40 -15.83
CA LYS A 79 22.57 16.39 -15.82
C LYS A 79 21.79 17.19 -14.80
C LYS A 79 21.78 17.21 -14.81
N THR A 80 20.48 16.95 -14.66
CA THR A 80 19.66 17.65 -13.68
C THR A 80 19.15 16.71 -12.59
N LEU A 81 18.71 17.31 -11.49
CA LEU A 81 17.78 16.68 -10.59
C LEU A 81 16.44 17.37 -10.75
N LYS A 82 15.37 16.66 -10.44
CA LYS A 82 14.05 17.24 -10.41
C LYS A 82 13.41 16.97 -9.06
N ILE A 83 12.73 17.99 -8.52
CA ILE A 83 11.90 17.86 -7.33
C ILE A 83 10.46 17.71 -7.78
N TRP A 84 9.77 16.68 -7.29
CA TRP A 84 8.43 16.35 -7.72
C TRP A 84 7.46 16.41 -6.55
N ASP A 85 6.28 16.94 -6.82
CA ASP A 85 5.16 16.75 -5.91
C ASP A 85 4.51 15.42 -6.25
N VAL A 86 4.58 14.46 -5.32
CA VAL A 86 4.13 13.10 -5.62
C VAL A 86 2.63 13.07 -5.90
N SER A 87 1.84 13.77 -5.10
N SER A 87 1.84 13.78 -5.11
CA SER A 87 0.35 13.78 -5.28
CA SER A 87 0.36 13.74 -5.28
C SER A 87 -0.07 14.25 -6.68
C SER A 87 -0.10 14.28 -6.65
N SER A 88 0.58 15.28 -7.19
CA SER A 88 0.19 15.84 -8.48
C SER A 88 1.03 15.31 -9.63
N GLY A 89 2.18 14.70 -9.34
CA GLY A 89 3.09 14.28 -10.38
C GLY A 89 3.85 15.40 -11.04
N LYS A 90 3.69 16.64 -10.57
CA LYS A 90 4.30 17.79 -11.24
C LYS A 90 5.72 18.01 -10.77
N CYS A 91 6.57 18.44 -11.72
CA CYS A 91 7.93 18.86 -11.40
C CYS A 91 7.87 20.27 -10.81
N LEU A 92 8.32 20.40 -9.56
CA LEU A 92 8.32 21.70 -8.89
C LEU A 92 9.57 22.51 -9.20
N LYS A 93 10.72 21.86 -9.32
N LYS A 93 10.72 21.85 -9.31
CA LYS A 93 11.98 22.52 -9.56
CA LYS A 93 11.99 22.52 -9.56
C LYS A 93 12.88 21.58 -10.35
C LYS A 93 12.86 21.58 -10.37
N THR A 94 13.69 22.17 -11.23
CA THR A 94 14.76 21.45 -11.91
C THR A 94 16.07 22.03 -11.41
N LEU A 95 16.91 21.19 -10.81
CA LEU A 95 18.15 21.60 -10.19
C LEU A 95 19.26 21.48 -11.22
N LYS A 96 19.76 22.62 -11.69
CA LYS A 96 20.74 22.67 -12.77
C LYS A 96 22.07 23.15 -12.23
N GLY A 97 23.14 22.49 -12.64
CA GLY A 97 24.47 22.91 -12.23
C GLY A 97 25.52 21.84 -12.49
N HIS A 98 25.18 20.58 -12.27
CA HIS A 98 26.12 19.53 -12.60
C HIS A 98 26.45 19.54 -14.09
N SER A 99 27.67 19.13 -14.42
CA SER A 99 28.13 19.15 -15.80
C SER A 99 28.18 17.76 -16.43
N ASN A 100 27.69 16.74 -15.72
CA ASN A 100 27.59 15.40 -16.29
C ASN A 100 26.49 14.67 -15.53
N TYR A 101 26.33 13.37 -15.80
CA TYR A 101 25.24 12.58 -15.22
C TYR A 101 25.17 12.78 -13.72
N VAL A 102 23.96 12.94 -13.19
CA VAL A 102 23.76 12.93 -11.75
C VAL A 102 23.43 11.50 -11.33
N PHE A 103 24.21 10.98 -10.39
CA PHE A 103 24.13 9.55 -10.04
C PHE A 103 23.37 9.27 -8.76
N CYS A 104 23.28 10.22 -7.83
CA CYS A 104 22.76 9.91 -6.51
C CYS A 104 22.18 11.16 -5.89
N CYS A 105 21.23 10.96 -4.98
CA CYS A 105 20.53 12.10 -4.38
C CYS A 105 19.84 11.68 -3.08
N ASN A 106 19.66 12.65 -2.20
CA ASN A 106 18.95 12.43 -0.93
C ASN A 106 18.54 13.77 -0.34
N PHE A 107 17.37 13.78 0.31
CA PHE A 107 16.98 14.90 1.18
C PHE A 107 17.68 14.75 2.52
N ASN A 108 17.89 15.86 3.22
CA ASN A 108 18.22 15.74 4.63
C ASN A 108 16.95 15.41 5.41
N PRO A 109 17.08 14.97 6.68
CA PRO A 109 15.86 14.68 7.45
C PRO A 109 14.89 15.86 7.50
N GLN A 110 15.41 17.07 7.70
CA GLN A 110 14.56 18.25 7.71
C GLN A 110 13.87 18.45 6.37
N SER A 111 14.48 17.97 5.29
CA SER A 111 13.97 18.04 3.93
C SER A 111 13.96 19.44 3.35
N ASN A 112 14.70 20.37 3.96
CA ASN A 112 14.96 21.67 3.34
C ASN A 112 16.14 21.65 2.39
N LEU A 113 16.96 20.61 2.42
CA LEU A 113 18.12 20.50 1.53
C LEU A 113 18.08 19.19 0.79
N ILE A 114 18.70 19.19 -0.40
CA ILE A 114 19.02 17.99 -1.15
C ILE A 114 20.53 17.94 -1.37
N VAL A 115 21.12 16.75 -1.27
CA VAL A 115 22.50 16.52 -1.67
C VAL A 115 22.50 15.64 -2.92
N SER A 116 23.42 15.94 -3.85
CA SER A 116 23.58 15.16 -5.08
C SER A 116 25.04 14.85 -5.32
N GLY A 117 25.28 13.75 -6.04
CA GLY A 117 26.60 13.41 -6.51
C GLY A 117 26.55 13.06 -7.98
N SER A 118 27.65 13.33 -8.67
CA SER A 118 27.66 13.31 -10.13
C SER A 118 28.91 12.63 -10.69
N PHE A 119 28.76 12.15 -11.92
CA PHE A 119 29.92 11.77 -12.73
C PHE A 119 30.94 12.89 -12.79
N ASP A 120 30.51 14.15 -12.67
CA ASP A 120 31.42 15.29 -12.72
C ASP A 120 32.34 15.40 -11.51
N GLU A 121 32.24 14.48 -10.54
CA GLU A 121 33.16 14.33 -9.41
C GLU A 121 32.83 15.28 -8.26
N SER A 122 31.74 16.03 -8.37
CA SER A 122 31.34 16.95 -7.33
C SER A 122 30.14 16.44 -6.55
N VAL A 123 29.99 16.99 -5.36
CA VAL A 123 28.80 16.87 -4.54
C VAL A 123 28.18 18.26 -4.46
N ARG A 124 26.89 18.36 -4.71
CA ARG A 124 26.21 19.65 -4.59
C ARG A 124 25.14 19.59 -3.50
N ILE A 125 24.95 20.72 -2.84
CA ILE A 125 23.94 20.90 -1.80
C ILE A 125 22.97 21.95 -2.31
N TRP A 126 21.69 21.63 -2.34
CA TRP A 126 20.67 22.46 -2.96
C TRP A 126 19.60 22.84 -1.94
N ASP A 127 19.08 24.06 -2.09
CA ASP A 127 17.94 24.53 -1.33
C ASP A 127 16.65 24.06 -1.99
N VAL A 128 15.85 23.30 -1.25
CA VAL A 128 14.62 22.75 -1.82
C VAL A 128 13.65 23.87 -2.21
N LYS A 129 13.52 24.87 -1.36
CA LYS A 129 12.49 25.92 -1.59
C LYS A 129 12.80 26.75 -2.83
N THR A 130 14.04 27.13 -3.02
CA THR A 130 14.39 27.96 -4.18
C THR A 130 14.85 27.15 -5.37
N GLY A 131 15.26 25.91 -5.15
CA GLY A 131 15.81 25.12 -6.23
C GLY A 131 17.19 25.54 -6.66
N LYS A 132 17.88 26.34 -5.86
CA LYS A 132 19.19 26.86 -6.21
C LYS A 132 20.29 26.09 -5.49
N CYS A 133 21.45 26.02 -6.12
CA CYS A 133 22.59 25.35 -5.52
C CYS A 133 23.22 26.25 -4.48
N LEU A 134 23.41 25.72 -3.27
CA LEU A 134 24.03 26.46 -2.18
C LEU A 134 25.53 26.27 -2.12
N LYS A 135 26.00 25.05 -2.37
CA LYS A 135 27.43 24.73 -2.31
C LYS A 135 27.75 23.68 -3.36
N THR A 136 28.93 23.78 -3.94
CA THR A 136 29.53 22.76 -4.78
C THR A 136 30.82 22.32 -4.11
N LEU A 137 30.88 21.05 -3.73
CA LEU A 137 32.05 20.52 -3.05
C LEU A 137 32.92 19.76 -4.05
N PRO A 138 34.19 20.09 -4.16
CA PRO A 138 35.08 19.32 -5.06
C PRO A 138 35.45 18.02 -4.35
N ALA A 139 34.48 17.10 -4.32
CA ALA A 139 34.49 16.05 -3.32
C ALA A 139 35.41 14.88 -3.65
N HIS A 140 35.55 14.55 -4.93
CA HIS A 140 36.20 13.31 -5.32
C HIS A 140 36.97 13.53 -6.61
N SER A 141 37.76 12.51 -6.99
CA SER A 141 38.54 12.55 -8.22
C SER A 141 38.04 11.53 -9.24
N ASP A 142 36.82 11.05 -9.06
CA ASP A 142 36.15 10.13 -9.97
C ASP A 142 34.66 10.25 -9.70
N PRO A 143 33.80 9.58 -10.47
CA PRO A 143 32.36 9.74 -10.25
C PRO A 143 31.92 9.48 -8.81
N VAL A 144 30.96 10.28 -8.34
CA VAL A 144 30.41 10.13 -7.00
C VAL A 144 29.25 9.17 -7.06
N SER A 145 29.35 8.08 -6.29
CA SER A 145 28.41 6.97 -6.41
C SER A 145 27.25 7.04 -5.43
N ALA A 146 27.42 7.72 -4.28
CA ALA A 146 26.36 7.81 -3.28
C ALA A 146 26.59 9.03 -2.42
N VAL A 147 25.49 9.60 -1.90
CA VAL A 147 25.49 10.72 -0.96
C VAL A 147 24.34 10.51 0.02
N HIS A 148 24.59 10.78 1.30
CA HIS A 148 23.61 10.51 2.34
C HIS A 148 23.83 11.45 3.51
N PHE A 149 22.75 11.98 4.09
CA PHE A 149 22.82 12.78 5.31
C PHE A 149 22.71 11.88 6.54
N ASN A 150 23.37 12.28 7.63
CA ASN A 150 23.19 11.58 8.89
C ASN A 150 21.87 11.95 9.57
N ARG A 151 21.67 11.43 10.79
CA ARG A 151 20.35 11.38 11.40
C ARG A 151 19.78 12.76 11.68
N ASP A 152 20.63 13.76 11.91
CA ASP A 152 20.14 15.11 12.19
C ASP A 152 20.45 16.08 11.06
N GLY A 153 21.03 15.60 9.97
CA GLY A 153 21.35 16.45 8.85
C GLY A 153 22.65 17.21 8.95
N SER A 154 23.38 17.08 10.05
CA SER A 154 24.58 17.89 10.25
C SER A 154 25.77 17.42 9.42
N LEU A 155 25.77 16.16 8.98
CA LEU A 155 26.87 15.61 8.18
C LEU A 155 26.33 14.95 6.93
N ILE A 156 27.18 14.93 5.90
CA ILE A 156 26.97 14.20 4.65
C ILE A 156 28.11 13.21 4.50
N VAL A 157 27.79 11.99 4.04
CA VAL A 157 28.81 11.04 3.60
C VAL A 157 28.68 10.85 2.10
N SER A 158 29.82 10.86 1.41
CA SER A 158 29.88 10.62 -0.01
C SER A 158 30.85 9.48 -0.29
N SER A 159 30.61 8.77 -1.40
CA SER A 159 31.51 7.72 -1.86
C SER A 159 31.82 7.91 -3.34
N SER A 160 32.92 7.31 -3.79
CA SER A 160 33.32 7.50 -5.16
C SER A 160 34.09 6.29 -5.68
N TYR A 161 34.10 6.17 -7.00
CA TYR A 161 34.95 5.16 -7.69
C TYR A 161 36.43 5.47 -7.41
N ASP A 162 36.76 6.66 -6.89
CA ASP A 162 38.15 6.94 -6.52
C ASP A 162 38.60 6.13 -5.31
N GLY A 163 37.70 5.34 -4.71
CA GLY A 163 38.03 4.49 -3.58
C GLY A 163 37.79 5.10 -2.22
N LEU A 164 37.33 6.34 -2.15
CA LEU A 164 37.22 7.06 -0.89
C LEU A 164 35.77 7.18 -0.47
N CYS A 165 35.57 7.22 0.85
CA CYS A 165 34.37 7.76 1.45
C CYS A 165 34.78 9.02 2.20
N ARG A 166 34.01 10.09 2.07
CA ARG A 166 34.31 11.34 2.74
C ARG A 166 33.12 11.81 3.55
N ILE A 167 33.41 12.40 4.70
N ILE A 167 33.41 12.38 4.71
CA ILE A 167 32.35 12.93 5.60
CA ILE A 167 32.37 12.95 5.62
C ILE A 167 32.51 14.45 5.57
C ILE A 167 32.52 14.46 5.53
N TRP A 168 31.40 15.16 5.37
CA TRP A 168 31.37 16.60 5.21
C TRP A 168 30.46 17.22 6.25
N ASP A 169 30.89 18.35 6.80
CA ASP A 169 30.00 19.17 7.61
C ASP A 169 29.05 19.91 6.68
N THR A 170 27.74 19.66 6.85
CA THR A 170 26.75 20.21 5.92
C THR A 170 26.82 21.73 5.86
N ALA A 171 26.87 22.37 7.03
CA ALA A 171 26.72 23.83 7.07
C ALA A 171 27.92 24.54 6.44
N SER A 172 29.12 24.01 6.62
CA SER A 172 30.33 24.67 6.15
C SER A 172 30.90 24.04 4.88
N GLY A 173 30.48 22.83 4.51
CA GLY A 173 31.06 22.16 3.38
C GLY A 173 32.46 21.62 3.59
N GLN A 174 32.96 21.63 4.84
CA GLN A 174 34.32 21.18 5.12
C GLN A 174 34.37 19.66 5.24
N CYS A 175 35.43 19.06 4.69
CA CYS A 175 35.62 17.62 4.79
C CYS A 175 36.22 17.29 6.15
N LEU A 176 35.47 16.57 6.98
CA LEU A 176 35.94 16.24 8.31
C LEU A 176 36.71 14.93 8.37
N LYS A 177 36.54 14.04 7.39
CA LYS A 177 37.25 12.78 7.46
C LYS A 177 37.18 12.08 6.10
N THR A 178 38.25 11.35 5.78
CA THR A 178 38.32 10.49 4.62
C THR A 178 38.61 9.08 5.12
N LEU A 179 37.77 8.12 4.75
CA LEU A 179 37.98 6.72 5.08
C LEU A 179 38.82 6.09 3.99
N ILE A 180 39.99 5.58 4.36
CA ILE A 180 40.88 4.91 3.41
C ILE A 180 40.98 3.42 3.72
N ASN A 184 42.36 0.69 -2.22
CA ASN A 184 41.20 1.54 -2.48
C ASN A 184 40.36 1.06 -3.67
N PRO A 185 39.62 -0.03 -3.50
CA PRO A 185 38.70 -0.45 -4.55
C PRO A 185 37.60 0.58 -4.73
N PRO A 186 37.04 0.70 -5.93
CA PRO A 186 35.95 1.64 -6.16
C PRO A 186 34.83 1.42 -5.14
N VAL A 187 34.37 2.51 -4.52
CA VAL A 187 33.25 2.46 -3.59
C VAL A 187 32.00 2.81 -4.37
N SER A 188 31.05 1.87 -4.40
CA SER A 188 29.84 2.00 -5.20
C SER A 188 28.62 2.45 -4.42
N PHE A 189 28.68 2.46 -3.09
CA PHE A 189 27.55 2.88 -2.27
C PHE A 189 28.04 3.16 -0.86
N VAL A 190 27.39 4.12 -0.20
CA VAL A 190 27.67 4.42 1.19
C VAL A 190 26.42 5.02 1.82
N LYS A 191 26.24 4.77 3.12
CA LYS A 191 25.24 5.49 3.92
C LYS A 191 25.60 5.40 5.40
N PHE A 192 25.11 6.37 6.17
CA PHE A 192 25.22 6.32 7.62
C PHE A 192 24.28 5.27 8.20
N SER A 193 24.71 4.67 9.31
CA SER A 193 23.82 3.84 10.09
C SER A 193 22.77 4.71 10.78
N PRO A 194 21.65 4.11 11.21
CA PRO A 194 20.58 4.91 11.83
C PRO A 194 21.04 5.79 12.98
N ASN A 195 21.98 5.31 13.81
CA ASN A 195 22.43 6.12 14.93
C ASN A 195 23.55 7.09 14.57
N GLY A 196 23.98 7.11 13.32
CA GLY A 196 24.97 8.05 12.84
C GLY A 196 26.40 7.71 13.20
N LYS A 197 26.65 6.65 13.96
CA LYS A 197 28.01 6.36 14.40
C LYS A 197 28.78 5.50 13.44
N TYR A 198 28.09 4.81 12.54
CA TYR A 198 28.74 3.89 11.62
C TYR A 198 28.37 4.25 10.20
N ILE A 199 29.14 3.70 9.27
CA ILE A 199 28.99 3.97 7.85
C ILE A 199 29.09 2.64 7.11
N LEU A 200 28.08 2.31 6.33
CA LEU A 200 28.06 1.07 5.55
C LEU A 200 28.48 1.41 4.12
N ALA A 201 29.48 0.70 3.61
CA ALA A 201 30.03 0.98 2.28
C ALA A 201 30.16 -0.29 1.47
N ALA A 202 29.73 -0.22 0.21
CA ALA A 202 29.92 -1.28 -0.76
C ALA A 202 31.08 -0.92 -1.68
N THR A 203 31.92 -1.91 -1.98
CA THR A 203 33.00 -1.76 -2.93
C THR A 203 32.88 -2.82 -4.01
N LEU A 204 33.39 -2.51 -5.19
CA LEU A 204 33.26 -3.40 -6.39
C LEU A 204 34.22 -4.58 -6.35
N ASP A 205 34.43 -5.11 -5.17
CA ASP A 205 35.20 -6.33 -4.96
C ASP A 205 34.42 -7.29 -4.08
N ASN A 206 33.10 -7.32 -4.26
CA ASN A 206 32.25 -8.32 -3.62
C ASN A 206 32.27 -8.17 -2.10
N THR A 207 32.29 -6.93 -1.60
CA THR A 207 32.48 -6.70 -0.18
C THR A 207 31.64 -5.51 0.27
N LEU A 208 30.95 -5.70 1.39
CA LEU A 208 30.34 -4.62 2.16
C LEU A 208 31.14 -4.45 3.44
N LYS A 209 31.29 -3.21 3.90
CA LYS A 209 32.03 -2.93 5.11
C LYS A 209 31.25 -1.98 6.00
N LEU A 210 31.33 -2.21 7.31
CA LEU A 210 30.77 -1.32 8.32
C LEU A 210 31.92 -0.63 9.03
N TRP A 211 32.00 0.69 8.89
CA TRP A 211 33.07 1.50 9.42
C TRP A 211 32.60 2.22 10.67
N ASP A 212 33.50 2.35 11.64
CA ASP A 212 33.28 3.22 12.78
C ASP A 212 33.76 4.62 12.39
N TYR A 213 32.82 5.57 12.36
CA TYR A 213 33.16 6.90 11.90
C TYR A 213 34.19 7.56 12.80
N SER A 214 34.00 7.48 14.12
CA SER A 214 34.88 8.19 15.04
C SER A 214 36.31 7.65 14.98
N LYS A 215 36.47 6.37 14.71
CA LYS A 215 37.79 5.73 14.70
C LYS A 215 38.37 5.59 13.30
N GLY A 216 37.59 5.86 12.26
CA GLY A 216 38.05 5.69 10.89
C GLY A 216 38.50 4.28 10.57
N LYS A 217 37.83 3.27 11.14
CA LYS A 217 38.28 1.89 11.05
C LYS A 217 37.12 0.99 10.70
N CYS A 218 37.40 -0.02 9.88
CA CYS A 218 36.40 -1.02 9.51
C CYS A 218 36.20 -1.99 10.68
N LEU A 219 34.95 -2.19 11.06
CA LEU A 219 34.59 -3.10 12.15
C LEU A 219 34.04 -4.44 11.67
N LYS A 220 33.34 -4.47 10.54
CA LYS A 220 32.72 -5.69 10.05
C LYS A 220 32.80 -5.69 8.53
N THR A 221 32.89 -6.89 7.96
CA THR A 221 32.75 -7.08 6.52
C THR A 221 31.68 -8.13 6.26
N TYR A 222 30.98 -7.97 5.14
CA TYR A 222 29.92 -8.88 4.74
C TYR A 222 30.22 -9.34 3.32
N THR A 223 30.35 -10.64 3.14
CA THR A 223 30.74 -11.19 1.85
C THR A 223 29.91 -12.43 1.56
N GLY A 224 30.16 -13.00 0.38
CA GLY A 224 29.43 -14.15 -0.12
C GLY A 224 28.61 -13.84 -1.36
N HIS A 225 28.29 -12.57 -1.58
CA HIS A 225 27.53 -12.12 -2.73
C HIS A 225 28.49 -11.76 -3.86
N LYS A 226 27.92 -11.33 -4.97
CA LYS A 226 28.70 -10.94 -6.15
C LYS A 226 28.43 -9.47 -6.46
N ASN A 227 29.48 -8.68 -6.45
CA ASN A 227 29.34 -7.25 -6.78
C ASN A 227 30.68 -6.72 -7.29
N GLU A 228 30.85 -6.76 -8.61
CA GLU A 228 32.11 -6.32 -9.26
C GLU A 228 31.80 -5.27 -10.33
N LYS A 229 30.53 -4.96 -10.59
CA LYS A 229 30.19 -4.07 -11.72
C LYS A 229 29.15 -2.99 -11.42
N TYR A 230 28.03 -3.37 -10.80
CA TYR A 230 26.89 -2.47 -10.72
C TYR A 230 26.84 -1.74 -9.39
N CYS A 231 26.17 -0.59 -9.42
N CYS A 231 26.19 -0.57 -9.40
CA CYS A 231 25.88 0.20 -8.23
CA CYS A 231 25.98 0.19 -8.17
C CYS A 231 24.70 -0.47 -7.53
C CYS A 231 24.76 -0.35 -7.45
N ILE A 232 24.99 -1.24 -6.48
CA ILE A 232 23.96 -1.96 -5.74
C ILE A 232 23.92 -1.40 -4.32
N PHE A 233 22.77 -0.87 -3.93
CA PHE A 233 22.70 -0.28 -2.60
C PHE A 233 22.73 -1.38 -1.53
N ALA A 234 22.99 -0.98 -0.30
CA ALA A 234 22.81 -1.88 0.83
C ALA A 234 21.96 -1.18 1.86
N ASN A 235 21.20 -1.96 2.61
CA ASN A 235 20.25 -1.42 3.57
C ASN A 235 20.51 -1.95 4.96
N PHE A 236 20.18 -1.14 5.96
CA PHE A 236 20.00 -1.61 7.33
C PHE A 236 18.54 -1.99 7.51
N SER A 237 18.27 -3.26 7.76
CA SER A 237 16.92 -3.71 8.08
C SER A 237 16.76 -3.70 9.60
N VAL A 238 15.75 -2.97 10.10
CA VAL A 238 15.67 -2.71 11.53
C VAL A 238 14.31 -3.02 12.14
N THR A 239 13.34 -3.42 11.32
CA THR A 239 11.97 -3.61 11.83
C THR A 239 11.85 -4.88 12.65
N GLY A 240 12.65 -5.89 12.34
CA GLY A 240 12.69 -7.14 13.09
C GLY A 240 14.11 -7.42 13.55
N GLY A 241 14.69 -8.54 13.11
CA GLY A 241 16.11 -8.76 13.34
C GLY A 241 16.96 -7.71 12.66
N LYS A 242 18.13 -7.47 13.23
CA LYS A 242 19.05 -6.41 12.73
C LYS A 242 19.94 -6.98 11.62
N TRP A 243 19.56 -6.72 10.38
CA TRP A 243 20.24 -7.29 9.22
C TRP A 243 20.88 -6.21 8.36
N ILE A 244 21.77 -6.67 7.50
CA ILE A 244 22.22 -5.94 6.32
C ILE A 244 21.59 -6.64 5.12
N VAL A 245 21.04 -5.88 4.19
CA VAL A 245 20.39 -6.41 2.99
C VAL A 245 21.04 -5.81 1.76
N SER A 246 21.25 -6.65 0.73
CA SER A 246 21.81 -6.16 -0.51
C SER A 246 21.40 -7.05 -1.67
N GLY A 247 21.26 -6.42 -2.85
CA GLY A 247 21.24 -7.16 -4.10
C GLY A 247 22.59 -7.76 -4.42
N SER A 248 22.65 -8.45 -5.55
CA SER A 248 23.84 -9.21 -5.91
C SER A 248 23.77 -9.56 -7.39
N GLU A 249 24.95 -9.73 -7.99
CA GLU A 249 25.06 -10.02 -9.41
C GLU A 249 24.84 -11.49 -9.74
N ASP A 250 24.54 -12.34 -8.73
CA ASP A 250 24.14 -13.71 -8.94
C ASP A 250 22.63 -13.92 -8.82
N ASN A 251 21.83 -12.85 -8.94
CA ASN A 251 20.37 -12.87 -9.01
C ASN A 251 19.69 -13.10 -7.66
N LEU A 252 20.41 -13.01 -6.55
CA LEU A 252 19.84 -13.25 -5.23
C LEU A 252 19.86 -11.97 -4.41
N VAL A 253 18.91 -11.86 -3.48
CA VAL A 253 18.99 -10.89 -2.39
C VAL A 253 19.70 -11.56 -1.23
N TYR A 254 20.74 -10.91 -0.71
CA TYR A 254 21.49 -11.41 0.44
C TYR A 254 21.08 -10.64 1.70
N ILE A 255 20.95 -11.39 2.80
CA ILE A 255 20.63 -10.84 4.11
C ILE A 255 21.65 -11.41 5.10
N TRP A 256 22.35 -10.52 5.79
CA TRP A 256 23.35 -10.89 6.77
C TRP A 256 22.93 -10.44 8.16
N ASN A 257 23.37 -11.19 9.17
CA ASN A 257 23.34 -10.73 10.56
C ASN A 257 24.37 -9.62 10.73
N LEU A 258 23.90 -8.44 11.16
CA LEU A 258 24.81 -7.28 11.23
C LEU A 258 25.95 -7.53 12.20
N GLN A 259 25.66 -8.14 13.34
CA GLN A 259 26.73 -8.37 14.34
C GLN A 259 27.68 -9.53 13.99
N THR A 260 27.16 -10.65 13.54
CA THR A 260 28.00 -11.82 13.34
C THR A 260 28.57 -11.94 11.93
N LYS A 261 28.05 -11.18 10.97
CA LYS A 261 28.45 -11.20 9.57
C LYS A 261 28.01 -12.47 8.82
N GLU A 262 27.28 -13.36 9.47
CA GLU A 262 26.82 -14.57 8.80
C GLU A 262 25.64 -14.25 7.90
N ILE A 263 25.60 -14.89 6.72
CA ILE A 263 24.42 -14.85 5.88
C ILE A 263 23.29 -15.59 6.58
N VAL A 264 22.13 -14.94 6.70
CA VAL A 264 20.96 -15.53 7.31
C VAL A 264 19.87 -15.90 6.31
N GLN A 265 19.88 -15.32 5.12
CA GLN A 265 18.92 -15.72 4.09
C GLN A 265 19.42 -15.24 2.74
N LYS A 266 19.10 -16.01 1.71
CA LYS A 266 19.31 -15.64 0.31
C LYS A 266 17.98 -15.81 -0.40
N LEU A 267 17.45 -14.72 -0.95
CA LEU A 267 16.12 -14.74 -1.55
C LEU A 267 16.23 -15.12 -3.02
N GLN A 268 15.65 -16.25 -3.35
CA GLN A 268 15.69 -16.79 -4.73
C GLN A 268 14.40 -16.46 -5.47
N GLY A 269 14.52 -16.02 -6.71
CA GLY A 269 13.33 -15.78 -7.51
C GLY A 269 13.61 -14.97 -8.74
N HIS A 270 14.45 -13.95 -8.60
CA HIS A 270 14.81 -13.13 -9.76
C HIS A 270 15.64 -13.93 -10.74
N THR A 271 15.60 -13.50 -12.00
CA THR A 271 16.31 -14.17 -13.08
C THR A 271 17.34 -13.27 -13.72
N ASP A 272 17.76 -12.22 -13.01
CA ASP A 272 18.86 -11.37 -13.44
C ASP A 272 19.42 -10.71 -12.19
N VAL A 273 20.50 -9.93 -12.38
CA VAL A 273 21.14 -9.19 -11.30
C VAL A 273 20.09 -8.45 -10.49
N VAL A 274 20.17 -8.56 -9.16
CA VAL A 274 19.32 -7.76 -8.27
C VAL A 274 20.03 -6.43 -8.07
N ILE A 275 19.52 -5.39 -8.74
CA ILE A 275 20.21 -4.12 -8.82
C ILE A 275 19.93 -3.22 -7.61
N SER A 276 18.79 -3.41 -6.93
CA SER A 276 18.40 -2.51 -5.85
C SER A 276 17.45 -3.24 -4.92
N THR A 277 17.56 -2.89 -3.63
CA THR A 277 16.68 -3.37 -2.59
C THR A 277 16.34 -2.21 -1.67
N ALA A 278 15.19 -2.32 -1.01
CA ALA A 278 14.77 -1.36 0.00
C ALA A 278 13.99 -2.09 1.07
N CYS A 279 14.05 -1.56 2.29
CA CYS A 279 13.38 -2.15 3.45
C CYS A 279 12.29 -1.21 3.94
N HIS A 280 11.12 -1.77 4.21
CA HIS A 280 9.96 -0.99 4.62
C HIS A 280 10.19 -0.36 6.00
N PRO A 281 9.69 0.84 6.25
CA PRO A 281 9.99 1.51 7.52
C PRO A 281 9.34 0.88 8.76
N THR A 282 8.25 0.12 8.63
CA THR A 282 7.62 -0.43 9.82
C THR A 282 7.40 -1.93 9.78
N GLU A 283 7.20 -2.49 8.59
CA GLU A 283 6.97 -3.92 8.44
C GLU A 283 8.22 -4.61 7.93
N ASN A 284 8.31 -5.92 8.20
CA ASN A 284 9.39 -6.76 7.69
C ASN A 284 9.11 -7.09 6.22
N ILE A 285 9.28 -6.07 5.37
CA ILE A 285 8.99 -6.14 3.95
C ILE A 285 10.19 -5.61 3.19
N ILE A 286 10.60 -6.33 2.15
CA ILE A 286 11.70 -5.95 1.27
C ILE A 286 11.16 -5.80 -0.14
N ALA A 287 11.59 -4.75 -0.82
CA ALA A 287 11.42 -4.63 -2.26
C ALA A 287 12.75 -4.86 -2.94
N SER A 288 12.73 -5.60 -4.04
CA SER A 288 13.93 -5.88 -4.82
C SER A 288 13.61 -5.66 -6.29
N ALA A 289 14.62 -5.23 -7.04
CA ALA A 289 14.46 -5.05 -8.48
C ALA A 289 15.60 -5.76 -9.20
N ALA A 290 15.26 -6.38 -10.33
CA ALA A 290 16.27 -7.12 -11.13
C ALA A 290 16.41 -6.47 -12.49
N LEU A 291 17.52 -6.83 -13.18
CA LEU A 291 17.88 -6.29 -14.53
C LEU A 291 17.05 -6.87 -15.69
N GLU A 292 17.56 -6.54 -16.97
CA GLU A 292 16.77 -6.78 -18.22
C GLU A 292 16.31 -8.21 -18.49
N ASN A 293 16.90 -9.24 -18.00
CA ASN A 293 16.38 -10.59 -18.32
C ASN A 293 15.12 -10.88 -17.48
N ASP A 294 14.96 -10.18 -16.35
CA ASP A 294 13.89 -10.35 -15.33
C ASP A 294 12.80 -9.28 -15.48
N LYS A 295 13.15 -7.99 -15.43
CA LYS A 295 12.26 -6.86 -15.65
C LYS A 295 11.24 -6.60 -14.54
N THR A 296 11.37 -7.24 -13.38
CA THR A 296 10.36 -7.08 -12.35
C THR A 296 10.92 -6.48 -11.06
N ILE A 297 9.99 -5.97 -10.25
CA ILE A 297 10.21 -5.62 -8.86
C ILE A 297 9.43 -6.62 -8.03
N LYS A 298 10.06 -7.16 -6.99
CA LYS A 298 9.42 -8.15 -6.15
C LYS A 298 9.27 -7.62 -4.73
N LEU A 299 8.14 -7.93 -4.12
CA LEU A 299 7.87 -7.59 -2.74
C LEU A 299 7.88 -8.87 -1.92
N TRP A 300 8.62 -8.85 -0.82
CA TRP A 300 8.82 -10.02 0.04
C TRP A 300 8.40 -9.68 1.46
N LYS A 301 7.98 -10.70 2.20
CA LYS A 301 7.54 -10.51 3.57
C LYS A 301 8.13 -11.59 4.47
N SER A 302 8.57 -11.16 5.66
CA SER A 302 9.12 -12.06 6.67
C SER A 302 8.34 -11.92 7.96
N ASP A 303 8.31 -13.01 8.74
CA ASP A 303 7.65 -12.97 10.04
C ASP A 303 8.51 -12.34 11.12
N CYS A 304 9.82 -12.19 10.88
CA CYS A 304 10.71 -11.62 11.87
C CYS A 304 11.86 -10.86 11.20
N VAL B 1 -23.52 12.46 -18.81
CA VAL B 1 -23.32 11.04 -19.09
C VAL B 1 -23.92 10.16 -18.00
N LYS B 2 -24.56 9.06 -18.42
CA LYS B 2 -25.14 8.10 -17.50
C LYS B 2 -24.73 6.69 -17.92
N PRO B 3 -24.60 5.78 -16.96
CA PRO B 3 -24.27 4.40 -17.30
C PRO B 3 -25.48 3.69 -17.89
N ASN B 4 -25.24 2.50 -18.44
CA ASN B 4 -26.30 1.71 -19.06
C ASN B 4 -26.18 0.25 -18.63
N TYR B 5 -26.06 0.03 -17.32
CA TYR B 5 -25.98 -1.33 -16.80
C TYR B 5 -27.17 -2.15 -17.24
N ALA B 6 -26.89 -3.34 -17.77
CA ALA B 6 -27.90 -4.29 -18.18
C ALA B 6 -27.56 -5.66 -17.62
N LEU B 7 -28.60 -6.46 -17.39
CA LEU B 7 -28.43 -7.76 -16.76
C LEU B 7 -27.69 -8.74 -17.67
N LYS B 8 -26.66 -9.39 -17.14
CA LYS B 8 -25.90 -10.38 -17.88
C LYS B 8 -26.07 -11.81 -17.35
N PHE B 9 -26.10 -11.99 -16.03
CA PHE B 9 -26.23 -13.31 -15.43
C PHE B 9 -27.04 -13.22 -14.14
N THR B 10 -27.79 -14.27 -13.86
CA THR B 10 -28.41 -14.47 -12.57
C THR B 10 -27.82 -15.73 -11.98
N LEU B 11 -27.25 -15.63 -10.79
CA LEU B 11 -26.48 -16.70 -10.14
C LEU B 11 -27.34 -17.27 -9.02
N ALA B 12 -27.80 -18.51 -9.21
CA ALA B 12 -28.68 -19.18 -8.26
C ALA B 12 -27.91 -20.28 -7.55
N GLY B 13 -28.25 -20.51 -6.28
CA GLY B 13 -27.60 -21.56 -5.53
C GLY B 13 -27.75 -21.42 -4.02
N HIS B 14 -27.70 -20.21 -3.51
CA HIS B 14 -27.95 -20.01 -2.09
C HIS B 14 -29.40 -20.35 -1.77
N THR B 15 -29.63 -20.86 -0.56
CA THR B 15 -30.95 -21.30 -0.17
C THR B 15 -31.60 -20.42 0.87
N LYS B 16 -30.91 -19.38 1.34
CA LYS B 16 -31.46 -18.33 2.18
C LYS B 16 -30.95 -17.01 1.65
N ALA B 17 -31.25 -15.91 2.35
CA ALA B 17 -30.84 -14.59 1.89
C ALA B 17 -29.35 -14.56 1.61
N VAL B 18 -28.98 -13.89 0.53
CA VAL B 18 -27.58 -13.55 0.33
C VAL B 18 -27.29 -12.37 1.24
N SER B 19 -26.10 -12.33 1.81
CA SER B 19 -25.76 -11.26 2.73
C SER B 19 -24.69 -10.32 2.22
N SER B 20 -23.79 -10.79 1.36
N SER B 20 -23.75 -10.80 1.41
CA SER B 20 -22.67 -9.97 0.90
CA SER B 20 -22.71 -9.95 0.85
C SER B 20 -22.07 -10.60 -0.36
C SER B 20 -22.17 -10.59 -0.40
N VAL B 21 -21.70 -9.75 -1.32
CA VAL B 21 -20.96 -10.16 -2.51
C VAL B 21 -19.73 -9.26 -2.62
N LYS B 22 -18.60 -9.83 -3.03
CA LYS B 22 -17.35 -9.10 -3.15
C LYS B 22 -16.55 -9.66 -4.32
N PHE B 23 -16.03 -8.79 -5.18
CA PHE B 23 -15.10 -9.21 -6.22
C PHE B 23 -13.69 -9.35 -5.66
N SER B 24 -12.99 -10.38 -6.11
CA SER B 24 -11.59 -10.51 -5.73
C SER B 24 -10.77 -9.36 -6.30
N PRO B 25 -9.71 -8.94 -5.61
CA PRO B 25 -8.91 -7.80 -6.12
C PRO B 25 -8.35 -8.02 -7.51
N ASN B 26 -8.06 -9.27 -7.89
CA ASN B 26 -7.54 -9.55 -9.22
C ASN B 26 -8.63 -9.61 -10.28
N GLY B 27 -9.90 -9.40 -9.92
CA GLY B 27 -10.99 -9.35 -10.88
C GLY B 27 -11.55 -10.69 -11.29
N GLU B 28 -10.92 -11.78 -10.89
CA GLU B 28 -11.26 -13.11 -11.45
C GLU B 28 -12.54 -13.72 -10.85
N TRP B 29 -12.84 -13.42 -9.58
CA TRP B 29 -13.87 -14.14 -8.86
C TRP B 29 -14.86 -13.18 -8.19
N LEU B 30 -16.07 -13.67 -7.99
CA LEU B 30 -17.02 -13.09 -7.07
C LEU B 30 -17.24 -14.09 -5.93
N ALA B 31 -17.15 -13.62 -4.70
CA ALA B 31 -17.51 -14.40 -3.52
C ALA B 31 -18.83 -13.90 -2.97
N SER B 32 -19.69 -14.83 -2.56
CA SER B 32 -20.95 -14.51 -1.91
C SER B 32 -21.03 -15.24 -0.58
N SER B 33 -21.67 -14.59 0.38
CA SER B 33 -22.01 -15.20 1.67
C SER B 33 -23.52 -15.18 1.85
N SER B 34 -24.02 -16.05 2.73
CA SER B 34 -25.46 -16.18 2.89
C SER B 34 -25.83 -16.62 4.30
N ALA B 35 -27.08 -16.30 4.65
CA ALA B 35 -27.69 -16.86 5.86
C ALA B 35 -27.76 -18.39 5.83
N ASP B 36 -27.56 -19.00 4.66
CA ASP B 36 -27.53 -20.46 4.55
C ASP B 36 -26.24 -21.08 5.04
N LYS B 37 -25.35 -20.32 5.68
CA LYS B 37 -24.04 -20.75 6.28
C LYS B 37 -22.95 -21.03 5.23
N LEU B 38 -23.20 -20.68 3.98
CA LEU B 38 -22.27 -21.04 2.92
C LEU B 38 -21.64 -19.80 2.29
N ILE B 39 -20.43 -20.00 1.80
CA ILE B 39 -19.75 -19.08 0.89
C ILE B 39 -19.74 -19.75 -0.48
N LYS B 40 -20.04 -19.00 -1.52
CA LYS B 40 -19.94 -19.51 -2.88
C LYS B 40 -19.00 -18.64 -3.70
N ILE B 41 -18.27 -19.28 -4.60
CA ILE B 41 -17.33 -18.61 -5.50
C ILE B 41 -17.86 -18.76 -6.92
N TRP B 42 -17.80 -17.68 -7.70
CA TRP B 42 -18.35 -17.65 -9.04
C TRP B 42 -17.37 -16.91 -9.94
N GLY B 43 -17.33 -17.29 -11.22
CA GLY B 43 -16.49 -16.58 -12.17
C GLY B 43 -17.04 -15.17 -12.38
N ALA B 44 -16.16 -14.17 -12.28
CA ALA B 44 -16.62 -12.79 -12.35
C ALA B 44 -17.14 -12.41 -13.74
N TYR B 45 -16.61 -13.05 -14.79
CA TYR B 45 -16.89 -12.66 -16.16
C TYR B 45 -17.85 -13.60 -16.88
N ASP B 46 -17.90 -14.87 -16.49
CA ASP B 46 -18.83 -15.83 -17.07
C ASP B 46 -19.94 -16.22 -16.11
N GLY B 47 -19.90 -15.75 -14.86
CA GLY B 47 -20.92 -16.05 -13.88
C GLY B 47 -20.96 -17.51 -13.45
N LYS B 48 -19.99 -18.31 -13.87
CA LYS B 48 -20.05 -19.75 -13.68
C LYS B 48 -19.77 -20.11 -12.23
N PHE B 49 -20.65 -20.92 -11.65
CA PHE B 49 -20.42 -21.40 -10.29
C PHE B 49 -19.12 -22.18 -10.23
N GLU B 50 -18.30 -21.88 -9.22
CA GLU B 50 -17.00 -22.51 -9.05
C GLU B 50 -17.00 -23.50 -7.88
N LYS B 51 -17.33 -23.07 -6.67
CA LYS B 51 -17.30 -23.97 -5.54
C LYS B 51 -18.10 -23.38 -4.39
N THR B 52 -18.43 -24.26 -3.44
CA THR B 52 -19.02 -23.87 -2.16
C THR B 52 -17.99 -24.12 -1.06
N ILE B 53 -17.88 -23.15 -0.14
CA ILE B 53 -16.98 -23.21 0.99
C ILE B 53 -17.84 -23.27 2.25
N SER B 54 -17.66 -24.31 3.06
N SER B 54 -17.63 -24.31 3.06
CA SER B 54 -18.57 -24.55 4.18
CA SER B 54 -18.53 -24.63 4.16
C SER B 54 -17.80 -24.86 5.45
C SER B 54 -17.73 -24.76 5.47
N GLY B 55 -18.45 -24.56 6.58
CA GLY B 55 -17.86 -24.81 7.88
C GLY B 55 -18.49 -24.01 9.01
N HIS B 56 -18.98 -22.80 8.74
CA HIS B 56 -19.69 -22.06 9.77
C HIS B 56 -20.94 -22.83 10.21
N LYS B 57 -21.27 -22.71 11.49
CA LYS B 57 -22.39 -23.42 12.06
C LYS B 57 -23.69 -22.63 12.02
N LEU B 58 -23.61 -21.33 11.75
CA LEU B 58 -24.77 -20.46 11.60
C LEU B 58 -24.52 -19.54 10.42
N GLY B 59 -25.49 -18.69 10.13
CA GLY B 59 -25.44 -17.85 8.95
C GLY B 59 -24.27 -16.89 8.95
N ILE B 60 -23.93 -16.41 7.75
CA ILE B 60 -22.80 -15.52 7.51
C ILE B 60 -23.33 -14.17 7.07
N SER B 61 -22.77 -13.10 7.63
CA SER B 61 -23.16 -11.75 7.28
C SER B 61 -22.25 -11.06 6.29
N ASP B 62 -20.98 -11.48 6.20
CA ASP B 62 -20.02 -10.74 5.41
C ASP B 62 -18.88 -11.66 5.04
N VAL B 63 -18.23 -11.34 3.93
CA VAL B 63 -17.03 -12.01 3.47
C VAL B 63 -16.12 -10.95 2.86
N ALA B 64 -14.81 -11.20 2.90
CA ALA B 64 -13.87 -10.22 2.35
C ALA B 64 -12.61 -10.95 1.87
N TRP B 65 -11.96 -10.38 0.85
CA TRP B 65 -10.81 -10.96 0.17
C TRP B 65 -9.49 -10.37 0.67
N SER B 66 -8.47 -11.22 0.74
CA SER B 66 -7.11 -10.71 0.90
C SER B 66 -6.61 -10.07 -0.40
N SER B 67 -5.54 -9.28 -0.28
N SER B 67 -5.54 -9.28 -0.27
CA SER B 67 -5.11 -8.47 -1.42
CA SER B 67 -5.09 -8.45 -1.40
C SER B 67 -4.60 -9.32 -2.58
C SER B 67 -4.47 -9.25 -2.53
N ASP B 68 -4.04 -10.49 -2.30
CA ASP B 68 -3.52 -11.34 -3.37
C ASP B 68 -4.59 -12.27 -3.93
N SER B 69 -5.84 -12.13 -3.50
CA SER B 69 -6.98 -12.90 -3.97
C SER B 69 -6.93 -14.37 -3.57
N ASN B 70 -6.08 -14.73 -2.61
CA ASN B 70 -5.94 -16.12 -2.22
C ASN B 70 -6.74 -16.51 -0.99
N LEU B 71 -7.05 -15.56 -0.12
CA LEU B 71 -7.74 -15.86 1.13
C LEU B 71 -9.05 -15.11 1.20
N LEU B 72 -9.97 -15.67 1.97
CA LEU B 72 -11.22 -15.00 2.34
C LEU B 72 -11.34 -15.01 3.84
N VAL B 73 -12.03 -14.01 4.37
CA VAL B 73 -12.48 -14.05 5.76
C VAL B 73 -14.00 -13.88 5.75
N SER B 74 -14.67 -14.61 6.64
CA SER B 74 -16.13 -14.52 6.78
C SER B 74 -16.49 -14.22 8.23
N ALA B 75 -17.63 -13.55 8.41
CA ALA B 75 -18.14 -13.15 9.72
C ALA B 75 -19.50 -13.80 9.93
N SER B 76 -19.68 -14.52 11.04
CA SER B 76 -20.84 -15.38 11.23
C SER B 76 -21.60 -15.12 12.54
N ASP B 77 -22.88 -15.49 12.50
CA ASP B 77 -23.71 -15.56 13.69
C ASP B 77 -23.20 -16.58 14.69
N ASP B 78 -22.31 -17.49 14.30
CA ASP B 78 -21.73 -18.44 15.26
C ASP B 78 -20.69 -17.79 16.17
N LYS B 79 -20.54 -16.48 16.08
CA LYS B 79 -19.67 -15.65 16.92
C LYS B 79 -18.21 -15.71 16.47
N THR B 80 -17.91 -16.39 15.37
CA THR B 80 -16.54 -16.50 14.91
C THR B 80 -16.38 -15.82 13.56
N LEU B 81 -15.13 -15.54 13.22
CA LEU B 81 -14.73 -15.38 11.84
C LEU B 81 -13.92 -16.60 11.43
N LYS B 82 -13.93 -16.91 10.14
CA LYS B 82 -13.07 -17.96 9.61
C LYS B 82 -12.23 -17.40 8.47
N ILE B 83 -10.97 -17.79 8.44
CA ILE B 83 -10.07 -17.49 7.34
C ILE B 83 -10.00 -18.73 6.46
N TRP B 84 -10.16 -18.54 5.14
CA TRP B 84 -10.27 -19.65 4.20
C TRP B 84 -9.22 -19.51 3.12
N ASP B 85 -8.64 -20.64 2.73
CA ASP B 85 -7.86 -20.72 1.50
C ASP B 85 -8.82 -20.98 0.35
N VAL B 86 -8.93 -20.03 -0.57
CA VAL B 86 -9.92 -20.13 -1.65
C VAL B 86 -9.65 -21.33 -2.54
N SER B 87 -8.38 -21.57 -2.88
CA SER B 87 -8.03 -22.66 -3.81
C SER B 87 -8.39 -24.02 -3.24
N SER B 88 -8.13 -24.25 -1.95
CA SER B 88 -8.44 -25.55 -1.37
C SER B 88 -9.82 -25.60 -0.71
N GLY B 89 -10.43 -24.45 -0.43
CA GLY B 89 -11.67 -24.43 0.30
C GLY B 89 -11.53 -24.66 1.79
N LYS B 90 -10.32 -24.81 2.30
CA LYS B 90 -10.13 -25.20 3.69
C LYS B 90 -10.15 -24.00 4.62
N CYS B 91 -10.71 -24.22 5.80
CA CYS B 91 -10.63 -23.24 6.87
C CYS B 91 -9.24 -23.31 7.49
N LEU B 92 -8.50 -22.21 7.40
CA LEU B 92 -7.15 -22.12 7.95
C LEU B 92 -7.15 -21.74 9.42
N LYS B 93 -8.04 -20.84 9.83
CA LYS B 93 -8.12 -20.37 11.21
C LYS B 93 -9.57 -20.04 11.51
N THR B 94 -9.95 -20.24 12.78
CA THR B 94 -11.22 -19.76 13.31
C THR B 94 -10.89 -18.70 14.36
N LEU B 95 -11.43 -17.49 14.19
CA LEU B 95 -11.10 -16.35 15.03
C LEU B 95 -12.17 -16.24 16.10
N LYS B 96 -11.79 -16.55 17.33
CA LYS B 96 -12.71 -16.63 18.49
C LYS B 96 -12.41 -15.50 19.44
N GLY B 97 -13.48 -14.86 19.94
CA GLY B 97 -13.32 -13.76 20.90
C GLY B 97 -14.58 -12.93 21.02
N HIS B 98 -15.28 -12.69 19.91
CA HIS B 98 -16.55 -11.97 20.00
C HIS B 98 -17.55 -12.76 20.83
N SER B 99 -18.43 -12.04 21.52
CA SER B 99 -19.40 -12.66 22.41
C SER B 99 -20.81 -12.68 21.81
N ASN B 100 -20.96 -12.27 20.56
CA ASN B 100 -22.24 -12.32 19.87
C ASN B 100 -21.95 -12.32 18.37
N TYR B 101 -23.00 -12.23 17.56
CA TYR B 101 -22.87 -12.33 16.11
C TYR B 101 -21.78 -11.40 15.59
N VAL B 102 -20.98 -11.89 14.64
CA VAL B 102 -20.02 -11.04 13.94
C VAL B 102 -20.68 -10.58 12.64
N PHE B 103 -20.73 -9.25 12.44
CA PHE B 103 -21.52 -8.68 11.34
C PHE B 103 -20.68 -8.22 10.15
N CYS B 104 -19.40 -7.89 10.36
CA CYS B 104 -18.64 -7.23 9.30
C CYS B 104 -17.17 -7.57 9.45
N CYS B 105 -16.46 -7.55 8.32
CA CYS B 105 -15.04 -7.93 8.32
C CYS B 105 -14.32 -7.39 7.10
N ASN B 106 -13.01 -7.21 7.23
CA ASN B 106 -12.17 -6.75 6.13
C ASN B 106 -10.72 -7.07 6.46
N PHE B 107 -9.94 -7.39 5.42
CA PHE B 107 -8.48 -7.42 5.53
C PHE B 107 -7.91 -6.02 5.34
N ASN B 108 -6.73 -5.79 5.89
CA ASN B 108 -6.02 -4.58 5.53
C ASN B 108 -5.29 -4.80 4.20
N PRO B 109 -4.74 -3.73 3.60
CA PRO B 109 -4.08 -3.90 2.29
C PRO B 109 -2.93 -4.89 2.33
N GLN B 110 -2.10 -4.85 3.37
CA GLN B 110 -1.05 -5.84 3.48
C GLN B 110 -1.63 -7.24 3.67
N SER B 111 -2.82 -7.31 4.26
CA SER B 111 -3.54 -8.55 4.55
C SER B 111 -2.89 -9.38 5.65
N ASN B 112 -2.05 -8.76 6.48
CA ASN B 112 -1.62 -9.41 7.72
C ASN B 112 -2.62 -9.23 8.85
N LEU B 113 -3.59 -8.33 8.70
CA LEU B 113 -4.60 -8.06 9.73
C LEU B 113 -5.99 -8.23 9.14
N ILE B 114 -6.92 -8.63 10.01
CA ILE B 114 -8.35 -8.57 9.77
C ILE B 114 -9.00 -7.68 10.82
N VAL B 115 -9.96 -6.86 10.40
CA VAL B 115 -10.79 -6.11 11.34
C VAL B 115 -12.21 -6.70 11.30
N SER B 116 -12.86 -6.76 12.48
CA SER B 116 -14.23 -7.26 12.59
C SER B 116 -15.06 -6.36 13.47
N GLY B 117 -16.37 -6.35 13.22
CA GLY B 117 -17.32 -5.68 14.09
C GLY B 117 -18.47 -6.62 14.41
N SER B 118 -19.04 -6.43 15.60
CA SER B 118 -19.96 -7.41 16.17
C SER B 118 -21.17 -6.74 16.81
N PHE B 119 -22.25 -7.53 16.90
CA PHE B 119 -23.36 -7.20 17.77
C PHE B 119 -22.90 -6.90 19.19
N ASP B 120 -21.77 -7.48 19.61
CA ASP B 120 -21.27 -7.25 20.96
C ASP B 120 -20.71 -5.85 21.18
N GLU B 121 -20.73 -4.99 20.17
CA GLU B 121 -20.42 -3.55 20.27
C GLU B 121 -18.93 -3.27 20.19
N SER B 122 -18.12 -4.30 19.97
CA SER B 122 -16.68 -4.14 19.87
C SER B 122 -16.23 -4.25 18.42
N VAL B 123 -15.06 -3.68 18.17
CA VAL B 123 -14.27 -3.88 16.96
C VAL B 123 -13.02 -4.64 17.39
N ARG B 124 -12.70 -5.71 16.66
CA ARG B 124 -11.51 -6.48 16.96
C ARG B 124 -10.54 -6.45 15.78
N ILE B 125 -9.25 -6.46 16.10
CA ILE B 125 -8.18 -6.53 15.13
C ILE B 125 -7.43 -7.83 15.37
N TRP B 126 -7.29 -8.64 14.32
CA TRP B 126 -6.79 -9.99 14.41
C TRP B 126 -5.54 -10.16 13.57
N ASP B 127 -4.62 -11.00 14.06
CA ASP B 127 -3.44 -11.36 13.30
C ASP B 127 -3.77 -12.57 12.40
N VAL B 128 -3.59 -12.39 11.09
CA VAL B 128 -3.97 -13.42 10.12
C VAL B 128 -3.15 -14.70 10.32
N LYS B 129 -1.86 -14.54 10.53
CA LYS B 129 -0.96 -15.72 10.61
C LYS B 129 -1.23 -16.57 11.85
N THR B 130 -1.41 -15.94 13.00
CA THR B 130 -1.64 -16.70 14.21
C THR B 130 -3.12 -16.98 14.48
N GLY B 131 -4.01 -16.21 13.88
CA GLY B 131 -5.43 -16.34 14.16
C GLY B 131 -5.84 -15.81 15.51
N LYS B 132 -5.01 -15.05 16.16
CA LYS B 132 -5.31 -14.53 17.50
C LYS B 132 -5.69 -13.05 17.47
N CYS B 133 -6.50 -12.67 18.44
CA CYS B 133 -6.92 -11.29 18.53
C CYS B 133 -5.78 -10.45 19.07
N LEU B 134 -5.44 -9.37 18.37
CA LEU B 134 -4.42 -8.42 18.80
C LEU B 134 -5.00 -7.31 19.67
N LYS B 135 -6.15 -6.77 19.29
CA LYS B 135 -6.76 -5.66 20.04
C LYS B 135 -8.27 -5.83 20.02
N THR B 136 -8.89 -5.47 21.15
CA THR B 136 -10.34 -5.33 21.24
C THR B 136 -10.65 -3.88 21.56
N LEU B 137 -11.37 -3.20 20.63
CA LEU B 137 -11.68 -1.79 20.82
C LEU B 137 -13.11 -1.67 21.32
N PRO B 138 -13.35 -0.96 22.44
CA PRO B 138 -14.72 -0.74 22.94
C PRO B 138 -15.35 0.38 22.11
N ALA B 139 -15.70 0.02 20.87
CA ALA B 139 -15.84 1.02 19.83
C ALA B 139 -17.16 1.76 19.89
N HIS B 140 -18.23 1.07 20.29
CA HIS B 140 -19.58 1.59 20.13
C HIS B 140 -20.45 1.14 21.30
N SER B 141 -21.67 1.70 21.35
CA SER B 141 -22.62 1.37 22.42
C SER B 141 -23.86 0.68 21.86
N ASP B 142 -23.74 0.13 20.67
CA ASP B 142 -24.78 -0.66 20.00
C ASP B 142 -24.07 -1.49 18.93
N PRO B 143 -24.76 -2.40 18.26
CA PRO B 143 -24.08 -3.27 17.28
C PRO B 143 -23.27 -2.49 16.25
N VAL B 144 -22.12 -3.06 15.89
CA VAL B 144 -21.23 -2.49 14.89
C VAL B 144 -21.65 -2.99 13.51
N SER B 145 -21.98 -2.06 12.62
CA SER B 145 -22.55 -2.40 11.32
C SER B 145 -21.52 -2.52 10.20
N ALA B 146 -20.37 -1.85 10.31
CA ALA B 146 -19.38 -1.92 9.24
C ALA B 146 -18.01 -1.57 9.80
N VAL B 147 -16.97 -2.14 9.20
CA VAL B 147 -15.57 -1.83 9.51
C VAL B 147 -14.78 -1.88 8.20
N HIS B 148 -13.86 -0.92 8.02
CA HIS B 148 -13.12 -0.85 6.77
C HIS B 148 -11.77 -0.19 7.03
N PHE B 149 -10.71 -0.71 6.41
CA PHE B 149 -9.39 -0.09 6.44
C PHE B 149 -9.26 0.91 5.29
N ASN B 150 -8.49 1.97 5.53
CA ASN B 150 -8.16 2.92 4.47
C ASN B 150 -7.08 2.35 3.55
N ARG B 151 -6.61 3.17 2.60
CA ARG B 151 -5.83 2.67 1.47
C ARG B 151 -4.51 2.03 1.88
N ASP B 152 -3.89 2.48 2.97
CA ASP B 152 -2.66 1.87 3.44
C ASP B 152 -2.86 1.07 4.72
N GLY B 153 -4.08 0.96 5.23
CA GLY B 153 -4.32 0.23 6.45
C GLY B 153 -4.03 0.97 7.74
N SER B 154 -3.57 2.22 7.67
CA SER B 154 -3.23 2.95 8.89
C SER B 154 -4.44 3.37 9.70
N LEU B 155 -5.63 3.40 9.09
CA LEU B 155 -6.85 3.81 9.76
C LEU B 155 -7.93 2.75 9.55
N ILE B 156 -8.82 2.64 10.54
CA ILE B 156 -10.05 1.87 10.46
C ILE B 156 -11.21 2.84 10.67
N VAL B 157 -12.25 2.72 9.85
CA VAL B 157 -13.52 3.39 10.10
C VAL B 157 -14.56 2.35 10.51
N SER B 158 -15.32 2.68 11.56
CA SER B 158 -16.39 1.82 12.05
C SER B 158 -17.68 2.62 12.12
N SER B 159 -18.80 1.91 12.01
CA SER B 159 -20.10 2.52 12.14
C SER B 159 -20.97 1.65 13.05
N SER B 160 -21.99 2.28 13.63
CA SER B 160 -22.84 1.55 14.56
C SER B 160 -24.27 2.08 14.57
N TYR B 161 -25.18 1.22 15.00
CA TYR B 161 -26.54 1.61 15.32
C TYR B 161 -26.60 2.67 16.42
N ASP B 162 -25.52 2.90 17.15
CA ASP B 162 -25.50 3.99 18.12
C ASP B 162 -25.50 5.37 17.47
N GLY B 163 -25.43 5.44 16.14
CA GLY B 163 -25.47 6.70 15.42
C GLY B 163 -24.13 7.32 15.11
N LEU B 164 -23.05 6.64 15.45
CA LEU B 164 -21.72 7.21 15.29
C LEU B 164 -20.90 6.49 14.21
N CYS B 165 -20.05 7.29 13.58
CA CYS B 165 -18.93 6.82 12.77
CA CYS B 165 -18.95 6.82 12.76
C CYS B 165 -17.67 7.22 13.48
N ARG B 166 -16.74 6.27 13.64
N ARG B 166 -16.77 6.26 13.68
CA ARG B 166 -15.50 6.57 14.33
CA ARG B 166 -15.53 6.51 14.39
C ARG B 166 -14.30 6.13 13.49
C ARG B 166 -14.35 6.03 13.56
N ILE B 167 -13.21 6.88 13.65
N ILE B 167 -13.26 6.79 13.60
CA ILE B 167 -11.96 6.61 12.96
CA ILE B 167 -12.03 6.48 12.89
C ILE B 167 -10.95 6.17 14.01
C ILE B 167 -10.93 6.21 13.91
N TRP B 168 -10.25 5.07 13.73
CA TRP B 168 -9.30 4.51 14.68
C TRP B 168 -7.92 4.43 14.05
N ASP B 169 -6.91 4.73 14.85
CA ASP B 169 -5.54 4.47 14.46
C ASP B 169 -5.27 2.98 14.61
N THR B 170 -4.97 2.29 13.50
CA THR B 170 -4.80 0.85 13.54
C THR B 170 -3.70 0.42 14.51
N ALA B 171 -2.55 1.09 14.44
CA ALA B 171 -1.38 0.62 15.18
C ALA B 171 -1.62 0.67 16.69
N SER B 172 -2.29 1.72 17.18
CA SER B 172 -2.48 1.90 18.60
C SER B 172 -3.87 1.52 19.08
N GLY B 173 -4.86 1.42 18.19
CA GLY B 173 -6.24 1.22 18.59
C GLY B 173 -6.94 2.44 19.14
N GLN B 174 -6.27 3.59 19.16
CA GLN B 174 -6.89 4.81 19.72
C GLN B 174 -7.84 5.48 18.73
N CYS B 175 -8.90 6.06 19.26
CA CYS B 175 -9.86 6.77 18.42
C CYS B 175 -9.29 8.13 18.01
N LEU B 176 -9.28 8.38 16.70
CA LEU B 176 -8.81 9.66 16.18
C LEU B 176 -9.93 10.66 15.95
N LYS B 177 -11.13 10.21 15.65
CA LYS B 177 -12.21 11.13 15.34
C LYS B 177 -13.55 10.43 15.44
N THR B 178 -14.57 11.14 15.93
CA THR B 178 -15.96 10.74 15.83
C THR B 178 -16.66 11.80 14.98
N LEU B 179 -17.29 11.37 13.88
CA LEU B 179 -17.94 12.32 13.00
C LEU B 179 -19.11 13.00 13.70
N ILE B 180 -19.17 14.31 13.53
CA ILE B 180 -20.23 15.13 14.20
C ILE B 180 -21.33 15.46 13.21
N ASP B 181 -22.50 14.87 13.44
CA ASP B 181 -23.70 15.19 12.69
C ASP B 181 -24.68 15.88 13.62
N ASP B 182 -25.71 16.49 13.05
CA ASP B 182 -26.70 17.21 13.89
C ASP B 182 -27.78 16.24 14.42
N ASP B 183 -27.81 15.01 13.91
CA ASP B 183 -28.69 13.97 14.42
C ASP B 183 -27.90 12.67 14.49
N ASN B 184 -28.48 11.64 15.12
CA ASN B 184 -27.79 10.35 15.27
C ASN B 184 -28.66 9.15 14.88
N PRO B 185 -29.24 9.15 13.68
CA PRO B 185 -29.89 7.94 13.20
C PRO B 185 -28.87 6.82 13.13
N PRO B 186 -29.30 5.57 13.27
CA PRO B 186 -28.36 4.44 13.14
C PRO B 186 -27.53 4.55 11.87
N VAL B 187 -26.22 4.36 12.00
CA VAL B 187 -25.32 4.29 10.85
C VAL B 187 -25.17 2.83 10.49
N SER B 188 -25.65 2.47 9.31
CA SER B 188 -25.78 1.08 8.90
C SER B 188 -24.66 0.60 7.99
N PHE B 189 -23.81 1.51 7.49
CA PHE B 189 -22.70 1.12 6.65
C PHE B 189 -21.75 2.29 6.55
N VAL B 190 -20.46 1.98 6.41
N VAL B 190 -20.45 1.99 6.44
CA VAL B 190 -19.44 2.99 6.19
CA VAL B 190 -19.42 3.00 6.22
C VAL B 190 -18.28 2.36 5.44
C VAL B 190 -18.26 2.36 5.46
N LYS B 191 -17.61 3.16 4.61
CA LYS B 191 -16.36 2.74 3.98
C LYS B 191 -15.58 3.98 3.55
N PHE B 192 -14.24 3.85 3.49
CA PHE B 192 -13.40 4.89 2.95
C PHE B 192 -13.53 4.94 1.43
N SER B 193 -13.34 6.15 0.88
CA SER B 193 -13.17 6.30 -0.54
C SER B 193 -11.83 5.68 -0.97
N PRO B 194 -11.65 5.41 -2.27
CA PRO B 194 -10.39 4.80 -2.72
C PRO B 194 -9.14 5.52 -2.26
N ASN B 195 -9.15 6.85 -2.20
CA ASN B 195 -7.95 7.57 -1.78
C ASN B 195 -7.86 7.76 -0.28
N GLY B 196 -8.86 7.31 0.48
CA GLY B 196 -8.84 7.41 1.92
C GLY B 196 -9.20 8.77 2.47
N LYS B 197 -9.50 9.73 1.62
CA LYS B 197 -9.76 11.10 2.12
C LYS B 197 -11.24 11.28 2.53
N TYR B 198 -12.11 10.46 1.97
CA TYR B 198 -13.53 10.62 2.22
C TYR B 198 -14.10 9.33 2.78
N ILE B 199 -15.26 9.48 3.41
CA ILE B 199 -15.96 8.36 4.02
C ILE B 199 -17.40 8.40 3.56
N LEU B 200 -17.88 7.28 3.04
CA LEU B 200 -19.26 7.14 2.60
C LEU B 200 -20.02 6.42 3.70
N ALA B 201 -21.09 7.04 4.22
CA ALA B 201 -21.83 6.49 5.35
C ALA B 201 -23.32 6.45 5.03
N ALA B 202 -23.93 5.30 5.30
CA ALA B 202 -25.38 5.14 5.20
C ALA B 202 -26.01 5.24 6.57
N THR B 203 -27.14 5.93 6.65
CA THR B 203 -27.95 5.99 7.86
C THR B 203 -29.35 5.50 7.55
N LEU B 204 -30.02 4.96 8.56
CA LEU B 204 -31.35 4.32 8.40
C LEU B 204 -32.49 5.34 8.28
N ASP B 205 -32.20 6.48 7.70
CA ASP B 205 -33.19 7.47 7.29
C ASP B 205 -33.10 7.70 5.78
N ASN B 206 -32.78 6.64 5.04
CA ASN B 206 -32.82 6.67 3.58
C ASN B 206 -31.80 7.65 3.00
N THR B 207 -30.61 7.73 3.63
CA THR B 207 -29.63 8.75 3.27
C THR B 207 -28.23 8.17 3.26
N LEU B 208 -27.49 8.47 2.19
CA LEU B 208 -26.05 8.25 2.12
C LEU B 208 -25.36 9.61 2.16
N LYS B 209 -24.23 9.68 2.85
CA LYS B 209 -23.47 10.91 2.99
C LYS B 209 -22.00 10.65 2.69
N LEU B 210 -21.38 11.58 1.98
CA LEU B 210 -19.95 11.56 1.71
C LEU B 210 -19.32 12.59 2.63
N TRP B 211 -18.49 12.13 3.56
CA TRP B 211 -17.83 12.99 4.54
C TRP B 211 -16.38 13.20 4.15
N ASP B 212 -15.90 14.42 4.34
CA ASP B 212 -14.47 14.71 4.24
C ASP B 212 -13.85 14.35 5.59
N TYR B 213 -12.99 13.34 5.59
CA TYR B 213 -12.41 12.87 6.84
C TYR B 213 -11.59 13.97 7.51
N SER B 214 -10.70 14.63 6.76
CA SER B 214 -9.81 15.62 7.36
C SER B 214 -10.59 16.78 7.99
N LYS B 215 -11.69 17.20 7.36
CA LYS B 215 -12.48 18.36 7.87
C LYS B 215 -13.65 17.90 8.75
N GLY B 216 -14.01 16.62 8.72
CA GLY B 216 -15.16 16.18 9.49
C GLY B 216 -16.47 16.81 9.06
N LYS B 217 -16.63 17.09 7.77
CA LYS B 217 -17.80 17.77 7.24
C LYS B 217 -18.42 16.96 6.12
N CYS B 218 -19.75 16.99 6.04
CA CYS B 218 -20.47 16.31 4.97
C CYS B 218 -20.41 17.14 3.70
N LEU B 219 -19.96 16.52 2.61
CA LEU B 219 -19.83 17.20 1.33
C LEU B 219 -20.94 16.88 0.34
N LYS B 220 -21.51 15.68 0.41
CA LYS B 220 -22.53 15.26 -0.54
C LYS B 220 -23.54 14.38 0.19
N THR B 221 -24.79 14.41 -0.29
N THR B 221 -24.79 14.45 -0.26
CA THR B 221 -25.86 13.57 0.22
CA THR B 221 -25.82 13.52 0.21
C THR B 221 -26.57 12.92 -0.96
C THR B 221 -26.49 12.89 -0.99
N TYR B 222 -26.81 11.61 -0.87
CA TYR B 222 -27.48 10.85 -1.93
C TYR B 222 -28.77 10.28 -1.35
N THR B 223 -29.89 10.59 -2.00
CA THR B 223 -31.20 10.21 -1.50
C THR B 223 -32.04 9.67 -2.66
N GLY B 224 -33.27 9.29 -2.33
CA GLY B 224 -34.20 8.73 -3.29
C GLY B 224 -34.39 7.24 -3.15
N HIS B 225 -33.47 6.55 -2.51
CA HIS B 225 -33.56 5.12 -2.31
C HIS B 225 -34.24 4.85 -0.96
N LYS B 226 -34.41 3.58 -0.63
CA LYS B 226 -35.09 3.18 0.60
C LYS B 226 -34.12 2.40 1.46
N ASN B 227 -33.87 2.92 2.67
CA ASN B 227 -32.96 2.23 3.59
C ASN B 227 -33.33 2.67 5.00
N GLU B 228 -34.23 1.90 5.64
N GLU B 228 -34.22 1.90 5.63
CA GLU B 228 -34.64 2.15 7.01
CA GLU B 228 -34.65 2.16 7.01
C GLU B 228 -34.39 0.98 7.94
C GLU B 228 -34.50 0.94 7.91
N LYS B 229 -33.96 -0.17 7.41
CA LYS B 229 -33.88 -1.38 8.23
C LYS B 229 -32.53 -2.09 8.14
N TYR B 230 -32.03 -2.33 6.93
CA TYR B 230 -30.92 -3.26 6.74
C TYR B 230 -29.58 -2.54 6.60
N CYS B 231 -28.51 -3.29 6.85
N CYS B 231 -28.52 -3.25 7.00
CA CYS B 231 -27.15 -2.77 6.65
CA CYS B 231 -27.16 -2.89 6.61
C CYS B 231 -26.72 -3.05 5.20
C CYS B 231 -27.04 -3.15 5.12
N ILE B 232 -27.04 -2.09 4.32
CA ILE B 232 -26.90 -2.21 2.89
C ILE B 232 -25.56 -1.63 2.49
N PHE B 233 -24.76 -2.42 1.79
CA PHE B 233 -23.46 -1.96 1.31
C PHE B 233 -23.65 -0.84 0.29
N ALA B 234 -22.67 0.06 0.25
CA ALA B 234 -22.59 1.06 -0.80
C ALA B 234 -21.17 1.06 -1.34
N ASN B 235 -20.98 1.61 -2.55
CA ASN B 235 -19.72 1.50 -3.25
C ASN B 235 -19.40 2.78 -4.01
N PHE B 236 -18.11 3.00 -4.20
CA PHE B 236 -17.59 3.93 -5.20
C PHE B 236 -17.31 3.16 -6.49
N SER B 237 -18.00 3.51 -7.57
CA SER B 237 -17.72 2.93 -8.88
C SER B 237 -16.76 3.87 -9.62
N VAL B 238 -15.60 3.35 -10.03
CA VAL B 238 -14.52 4.18 -10.53
C VAL B 238 -13.97 3.72 -11.88
N THR B 239 -14.46 2.62 -12.43
CA THR B 239 -13.87 2.07 -13.66
C THR B 239 -14.25 2.86 -14.90
N GLY B 240 -15.41 3.51 -14.88
CA GLY B 240 -15.88 4.35 -15.96
C GLY B 240 -16.25 5.71 -15.41
N GLY B 241 -17.51 6.09 -15.50
CA GLY B 241 -17.96 7.28 -14.79
C GLY B 241 -17.85 7.10 -13.28
N LYS B 242 -17.81 8.22 -12.57
CA LYS B 242 -17.61 8.20 -11.12
C LYS B 242 -18.99 8.19 -10.44
N TRP B 243 -19.41 7.02 -9.99
CA TRP B 243 -20.73 6.83 -9.41
C TRP B 243 -20.66 6.40 -7.96
N ILE B 244 -21.79 6.54 -7.28
CA ILE B 244 -22.09 5.86 -6.02
C ILE B 244 -23.13 4.80 -6.33
N VAL B 245 -22.93 3.59 -5.81
CA VAL B 245 -23.82 2.46 -6.06
C VAL B 245 -24.31 1.92 -4.72
N SER B 246 -25.61 1.64 -4.62
CA SER B 246 -26.14 1.04 -3.41
C SER B 246 -27.36 0.18 -3.73
N GLY B 247 -27.57 -0.85 -2.91
CA GLY B 247 -28.85 -1.53 -2.87
C GLY B 247 -29.90 -0.67 -2.20
N SER B 248 -31.10 -1.23 -2.11
CA SER B 248 -32.25 -0.47 -1.63
C SER B 248 -33.35 -1.44 -1.24
N GLU B 249 -34.19 -1.01 -0.30
CA GLU B 249 -35.28 -1.82 0.23
C GLU B 249 -36.50 -1.82 -0.67
N ASP B 250 -36.46 -1.11 -1.81
CA ASP B 250 -37.48 -1.23 -2.84
C ASP B 250 -37.07 -2.18 -3.96
N ASN B 251 -36.08 -3.03 -3.70
CA ASN B 251 -35.64 -4.11 -4.59
C ASN B 251 -34.82 -3.62 -5.79
N LEU B 252 -34.35 -2.39 -5.79
CA LEU B 252 -33.61 -1.82 -6.90
C LEU B 252 -32.16 -1.57 -6.51
N VAL B 253 -31.28 -1.55 -7.52
CA VAL B 253 -29.95 -1.00 -7.36
C VAL B 253 -29.97 0.46 -7.81
N TYR B 254 -29.51 1.35 -6.94
CA TYR B 254 -29.44 2.77 -7.27
C TYR B 254 -28.01 3.16 -7.62
N ILE B 255 -27.90 4.01 -8.64
CA ILE B 255 -26.61 4.55 -9.07
C ILE B 255 -26.76 6.05 -9.16
N TRP B 256 -25.89 6.79 -8.47
CA TRP B 256 -25.90 8.24 -8.47
C TRP B 256 -24.61 8.76 -9.08
N ASN B 257 -24.70 9.93 -9.69
CA ASN B 257 -23.51 10.70 -10.05
C ASN B 257 -22.86 11.22 -8.77
N LEU B 258 -21.59 10.88 -8.54
CA LEU B 258 -20.94 11.23 -7.28
C LEU B 258 -20.93 12.74 -7.07
N GLN B 259 -20.61 13.50 -8.10
CA GLN B 259 -20.48 14.95 -7.93
C GLN B 259 -21.84 15.67 -7.88
N THR B 260 -22.75 15.33 -8.78
CA THR B 260 -24.01 16.08 -8.86
C THR B 260 -25.08 15.53 -7.93
N LYS B 261 -24.92 14.30 -7.43
CA LYS B 261 -25.86 13.62 -6.55
C LYS B 261 -27.12 13.17 -7.27
N GLU B 262 -27.18 13.33 -8.58
N GLU B 262 -27.18 13.33 -8.59
CA GLU B 262 -28.38 12.92 -9.33
CA GLU B 262 -28.40 12.91 -9.30
C GLU B 262 -28.44 11.41 -9.59
C GLU B 262 -28.45 11.41 -9.59
N ILE B 263 -29.60 10.82 -9.33
CA ILE B 263 -29.79 9.41 -9.69
C ILE B 263 -29.64 9.26 -11.19
N VAL B 264 -28.73 8.39 -11.62
CA VAL B 264 -28.48 8.17 -13.04
C VAL B 264 -28.99 6.84 -13.55
N GLN B 265 -29.23 5.86 -12.68
CA GLN B 265 -29.80 4.59 -13.12
C GLN B 265 -30.38 3.87 -11.92
N LYS B 266 -31.44 3.14 -12.17
CA LYS B 266 -32.10 2.25 -11.17
C LYS B 266 -32.22 0.88 -11.83
N LEU B 267 -31.57 -0.14 -11.28
CA LEU B 267 -31.53 -1.45 -11.90
C LEU B 267 -32.65 -2.31 -11.34
N GLN B 268 -33.53 -2.76 -12.21
CA GLN B 268 -34.71 -3.55 -11.82
C GLN B 268 -34.49 -5.03 -12.15
N GLY B 269 -34.99 -5.89 -11.29
CA GLY B 269 -34.94 -7.31 -11.53
C GLY B 269 -35.03 -8.15 -10.26
N HIS B 270 -34.42 -7.68 -9.19
CA HIS B 270 -34.51 -8.44 -7.94
C HIS B 270 -35.94 -8.41 -7.40
N THR B 271 -36.27 -9.42 -6.60
CA THR B 271 -37.60 -9.56 -6.02
C THR B 271 -37.57 -9.49 -4.49
N ASP B 272 -36.49 -8.96 -3.94
CA ASP B 272 -36.41 -8.69 -2.50
C ASP B 272 -35.37 -7.59 -2.31
N VAL B 273 -35.23 -7.16 -1.06
CA VAL B 273 -34.28 -6.12 -0.71
C VAL B 273 -32.91 -6.44 -1.29
N VAL B 274 -32.30 -5.46 -1.95
CA VAL B 274 -30.94 -5.61 -2.46
C VAL B 274 -30.03 -5.19 -1.33
N ILE B 275 -29.51 -6.17 -0.59
CA ILE B 275 -28.71 -5.91 0.60
C ILE B 275 -27.24 -5.65 0.27
N SER B 276 -26.77 -6.10 -0.89
CA SER B 276 -25.35 -5.97 -1.18
C SER B 276 -25.13 -5.70 -2.65
N THR B 277 -24.20 -4.81 -2.92
CA THR B 277 -23.70 -4.54 -4.26
C THR B 277 -22.18 -4.47 -4.17
N ALA B 278 -21.53 -4.79 -5.29
CA ALA B 278 -20.09 -4.69 -5.40
C ALA B 278 -19.75 -4.23 -6.81
N CYS B 279 -18.67 -3.48 -6.93
CA CYS B 279 -18.20 -2.96 -8.22
C CYS B 279 -16.89 -3.63 -8.59
N HIS B 280 -16.83 -4.14 -9.80
CA HIS B 280 -15.65 -4.86 -10.26
C HIS B 280 -14.43 -3.93 -10.29
N PRO B 281 -13.23 -4.43 -9.96
CA PRO B 281 -12.08 -3.53 -9.85
C PRO B 281 -11.61 -2.91 -11.15
N THR B 282 -11.87 -3.53 -12.31
CA THR B 282 -11.35 -2.98 -13.57
C THR B 282 -12.39 -2.80 -14.68
N GLU B 283 -13.43 -3.63 -14.69
N GLU B 283 -13.46 -3.59 -14.66
CA GLU B 283 -14.49 -3.55 -15.68
CA GLU B 283 -14.47 -3.52 -15.70
C GLU B 283 -15.70 -2.83 -15.09
C GLU B 283 -15.79 -2.98 -15.13
N ASN B 284 -16.56 -2.30 -15.97
CA ASN B 284 -17.82 -1.69 -15.56
C ASN B 284 -18.86 -2.78 -15.31
N ILE B 285 -18.68 -3.51 -14.20
CA ILE B 285 -19.51 -4.64 -13.84
C ILE B 285 -19.95 -4.46 -12.39
N ILE B 286 -21.25 -4.66 -12.13
CA ILE B 286 -21.80 -4.63 -10.79
C ILE B 286 -22.35 -6.01 -10.45
N ALA B 287 -22.12 -6.46 -9.23
CA ALA B 287 -22.83 -7.61 -8.67
C ALA B 287 -23.80 -7.09 -7.63
N SER B 288 -25.01 -7.65 -7.61
CA SER B 288 -26.01 -7.30 -6.62
C SER B 288 -26.61 -8.59 -6.07
N ALA B 289 -27.09 -8.55 -4.83
CA ALA B 289 -27.62 -9.74 -4.19
C ALA B 289 -28.76 -9.36 -3.27
N ALA B 290 -29.70 -10.29 -3.09
CA ALA B 290 -30.97 -9.97 -2.47
C ALA B 290 -31.35 -10.93 -1.35
N LEU B 291 -32.35 -10.52 -0.57
CA LEU B 291 -32.83 -11.27 0.58
C LEU B 291 -33.67 -12.48 0.14
N GLU B 292 -34.30 -13.14 1.11
CA GLU B 292 -34.65 -14.54 0.97
C GLU B 292 -35.86 -14.81 0.06
N ASN B 293 -36.65 -13.81 -0.32
CA ASN B 293 -37.65 -14.07 -1.35
C ASN B 293 -37.03 -14.24 -2.73
N ASP B 294 -35.77 -13.82 -2.88
CA ASP B 294 -35.05 -13.81 -4.15
C ASP B 294 -33.89 -14.80 -4.13
N LYS B 295 -32.93 -14.60 -3.24
CA LYS B 295 -31.80 -15.50 -3.01
C LYS B 295 -30.80 -15.55 -4.14
N THR B 296 -30.91 -14.68 -5.15
CA THR B 296 -29.98 -14.72 -6.27
C THR B 296 -29.03 -13.54 -6.24
N ILE B 297 -27.94 -13.72 -6.98
CA ILE B 297 -26.97 -12.68 -7.29
C ILE B 297 -27.13 -12.34 -8.76
N LYS B 298 -27.05 -11.06 -9.10
CA LYS B 298 -27.15 -10.64 -10.48
C LYS B 298 -25.86 -9.90 -10.87
N LEU B 299 -25.39 -10.18 -12.07
CA LEU B 299 -24.23 -9.50 -12.64
C LEU B 299 -24.71 -8.62 -13.78
N TRP B 300 -24.24 -7.37 -13.78
CA TRP B 300 -24.67 -6.35 -14.73
C TRP B 300 -23.43 -5.77 -15.38
N LYS B 301 -23.56 -5.31 -16.62
N LYS B 301 -23.56 -5.31 -16.61
CA LYS B 301 -22.45 -4.69 -17.33
CA LYS B 301 -22.44 -4.69 -17.31
C LYS B 301 -22.91 -3.41 -18.01
C LYS B 301 -22.90 -3.41 -18.01
N SER B 302 -22.03 -2.40 -18.01
CA SER B 302 -22.30 -1.11 -18.61
C SER B 302 -21.16 -0.74 -19.56
N ASP B 303 -21.47 0.13 -20.52
CA ASP B 303 -20.45 0.63 -21.43
C ASP B 303 -19.63 1.76 -20.83
N CYS B 304 -20.10 2.38 -19.74
CA CYS B 304 -19.36 3.45 -19.08
C CYS B 304 -19.69 3.48 -17.59
#